data_5EMB
#
_entry.id   5EMB
#
_cell.length_a   37.570
_cell.length_b   48.330
_cell.length_c   56.177
_cell.angle_alpha   90.00
_cell.angle_beta   90.00
_cell.angle_gamma   90.00
#
_symmetry.space_group_name_H-M   'P 21 21 21'
#
loop_
_entity.id
_entity.type
_entity.pdbx_description
1 polymer 'Sorting nexin-27'
2 polymer GLU-GLU-TRP-SEP-THR-VAL-MET
3 water water
#
loop_
_entity_poly.entity_id
_entity_poly.type
_entity_poly.pdbx_seq_one_letter_code
_entity_poly.pdbx_strand_id
1 'polypeptide(L)'
;GSHGGSPRVVRIVKSESGYGFNVRGQVSEGGQLRSINGELYAPLQHVSAVLPGGAADRAGVRKGDRILEVNGVNVEGATH
KQVVDLIRAGEKELILTVLSV
;
A
2 'polypeptide(L)' QEEW(SEP)TVM B
#
# COMPACT_ATOMS: atom_id res chain seq x y z
N SER A 6 -11.99 8.65 4.03
CA SER A 6 -11.26 8.58 5.29
C SER A 6 -10.45 7.35 5.26
N PRO A 7 -9.35 7.35 6.05
CA PRO A 7 -8.56 6.11 6.15
C PRO A 7 -9.43 4.96 6.65
N ARG A 8 -9.11 3.76 6.15
CA ARG A 8 -9.81 2.55 6.54
C ARG A 8 -8.79 1.40 6.57
N VAL A 9 -9.15 0.35 7.28
CA VAL A 9 -8.27 -0.80 7.43
C VAL A 9 -8.85 -1.96 6.64
N VAL A 10 -7.97 -2.66 5.91
CA VAL A 10 -8.28 -3.85 5.12
CA VAL A 10 -8.30 -3.87 5.18
C VAL A 10 -7.37 -5.00 5.60
N ARG A 11 -7.92 -6.20 5.67
CA ARG A 11 -7.17 -7.42 5.96
C ARG A 11 -7.21 -8.29 4.70
N ILE A 12 -6.06 -8.82 4.33
CA ILE A 12 -5.89 -9.56 3.07
C ILE A 12 -5.10 -10.82 3.39
N VAL A 13 -5.56 -11.96 2.88
CA VAL A 13 -4.84 -13.23 3.02
C VAL A 13 -4.41 -13.65 1.64
N LYS A 14 -3.13 -14.03 1.48
CA LYS A 14 -2.63 -14.43 0.19
C LYS A 14 -3.34 -15.53 -0.42
N SER A 15 -3.58 -15.37 -1.76
CA SER A 15 -4.12 -16.57 -2.44
C SER A 15 -3.01 -17.25 -3.26
N GLU A 16 -3.41 -18.22 -4.14
CA GLU A 16 -2.48 -18.80 -5.14
C GLU A 16 -1.69 -17.65 -5.78
N SER A 17 -2.42 -16.56 -6.08
CA SER A 17 -1.87 -15.50 -6.86
C SER A 17 -1.09 -14.41 -5.98
N GLY A 18 -0.66 -14.65 -4.68
CA GLY A 18 -0.06 -13.58 -3.82
C GLY A 18 -1.23 -12.78 -3.33
N TYR A 19 -0.97 -11.53 -3.01
CA TYR A 19 -2.03 -10.66 -2.56
C TYR A 19 -2.84 -10.02 -3.71
N GLY A 20 -2.27 -10.01 -4.91
CA GLY A 20 -3.01 -9.50 -6.04
C GLY A 20 -3.05 -7.97 -6.15
N PHE A 21 -1.93 -7.30 -5.84
CA PHE A 21 -1.86 -5.87 -6.11
C PHE A 21 -0.41 -5.50 -6.35
N ASN A 22 -0.22 -4.35 -6.99
CA ASN A 22 1.12 -3.76 -7.12
C ASN A 22 1.18 -2.51 -6.25
N VAL A 23 2.36 -2.28 -5.66
CA VAL A 23 2.62 -1.07 -4.91
CA VAL A 23 2.67 -1.06 -4.88
C VAL A 23 3.69 -0.26 -5.63
N ARG A 24 3.46 1.05 -5.70
CA ARG A 24 4.35 1.96 -6.42
C ARG A 24 4.61 3.18 -5.54
N GLY A 25 5.86 3.67 -5.57
CA GLY A 25 6.15 4.94 -4.97
C GLY A 25 7.63 5.18 -4.90
N GLN A 26 7.98 6.24 -4.16
CA GLN A 26 9.34 6.75 -4.18
C GLN A 26 10.32 5.78 -3.52
N VAL A 27 11.56 5.79 -4.02
CA VAL A 27 12.63 5.02 -3.43
CA VAL A 27 12.58 4.98 -3.37
C VAL A 27 13.18 5.66 -2.16
N SER A 28 13.16 6.98 -2.09
CA SER A 28 13.74 7.72 -0.99
C SER A 28 12.80 7.87 0.19
N GLU A 29 13.33 8.44 1.26
CA GLU A 29 12.60 8.75 2.47
C GLU A 29 12.14 10.21 2.46
N GLY A 30 10.97 10.48 2.98
CA GLY A 30 10.54 11.84 3.25
C GLY A 30 10.17 12.58 1.97
N GLY A 31 10.47 13.86 1.92
CA GLY A 31 10.22 14.64 0.74
C GLY A 31 8.99 15.59 0.85
N GLN A 32 8.71 16.18 -0.31
CA GLN A 32 7.73 17.22 -0.48
C GLN A 32 6.35 16.79 -0.01
N LEU A 33 5.70 17.64 0.80
CA LEU A 33 4.35 17.35 1.24
C LEU A 33 3.37 17.47 0.07
N ARG A 34 2.32 16.65 0.13
CA ARG A 34 1.25 16.65 -0.87
C ARG A 34 -0.02 16.21 -0.16
N SER A 35 -1.10 16.96 -0.31
CA SER A 35 -2.34 16.56 0.30
CA SER A 35 -2.33 16.54 0.32
C SER A 35 -3.03 15.45 -0.52
N ILE A 36 -3.70 14.58 0.21
CA ILE A 36 -4.53 13.52 -0.36
C ILE A 36 -5.96 13.75 0.17
N ASN A 37 -6.89 13.99 -0.74
CA ASN A 37 -8.24 14.37 -0.38
C ASN A 37 -8.22 15.55 0.59
N GLY A 38 -7.34 16.54 0.36
CA GLY A 38 -7.37 17.72 1.20
C GLY A 38 -6.73 17.55 2.56
N GLU A 39 -6.12 16.40 2.86
CA GLU A 39 -5.44 16.15 4.12
C GLU A 39 -3.93 16.12 3.85
N LEU A 40 -3.16 16.90 4.58
CA LEU A 40 -1.74 17.03 4.32
C LEU A 40 -0.96 15.78 4.76
N TYR A 41 -0.08 15.29 3.89
CA TYR A 41 0.78 14.15 4.20
C TYR A 41 2.15 14.35 3.54
N ALA A 42 3.15 13.68 4.14
CA ALA A 42 4.39 13.39 3.45
C ALA A 42 4.10 12.39 2.32
N PRO A 43 5.05 12.14 1.42
CA PRO A 43 4.76 11.24 0.28
C PRO A 43 4.30 9.87 0.77
N LEU A 44 3.34 9.31 0.03
CA LEU A 44 2.75 8.01 0.34
C LEU A 44 2.93 7.07 -0.85
N GLN A 45 3.32 5.85 -0.57
CA GLN A 45 3.24 4.78 -1.57
C GLN A 45 1.76 4.54 -1.90
N HIS A 46 1.51 3.98 -3.09
CA HIS A 46 0.12 3.74 -3.47
C HIS A 46 -0.02 2.43 -4.24
N VAL A 47 -1.29 2.02 -4.38
CA VAL A 47 -1.62 0.81 -5.12
C VAL A 47 -1.74 1.19 -6.61
N SER A 48 -0.83 0.64 -7.42
CA SER A 48 -0.79 0.95 -8.85
C SER A 48 -1.54 -0.08 -9.71
N ALA A 49 -1.91 -1.22 -9.14
CA ALA A 49 -2.66 -2.23 -9.90
C ALA A 49 -3.38 -3.13 -8.90
N VAL A 50 -4.54 -3.62 -9.33
CA VAL A 50 -5.30 -4.60 -8.55
C VAL A 50 -5.70 -5.73 -9.50
N LEU A 51 -5.28 -6.93 -9.15
CA LEU A 51 -5.60 -8.13 -9.96
C LEU A 51 -7.09 -8.44 -9.81
N PRO A 52 -7.87 -8.49 -10.90
CA PRO A 52 -9.29 -8.80 -10.76
C PRO A 52 -9.48 -10.15 -10.13
N GLY A 53 -10.33 -10.21 -9.10
CA GLY A 53 -10.62 -11.45 -8.44
C GLY A 53 -9.59 -11.90 -7.44
N GLY A 54 -8.48 -11.20 -7.32
CA GLY A 54 -7.49 -11.52 -6.35
C GLY A 54 -7.88 -11.09 -4.95
N ALA A 55 -6.98 -11.40 -4.02
CA ALA A 55 -7.32 -11.19 -2.61
C ALA A 55 -7.54 -9.71 -2.30
N ALA A 56 -6.66 -8.84 -2.84
CA ALA A 56 -6.80 -7.42 -2.57
C ALA A 56 -8.12 -6.88 -3.15
N ASP A 57 -8.45 -7.30 -4.38
CA ASP A 57 -9.71 -6.90 -4.98
C ASP A 57 -10.90 -7.28 -4.11
N ARG A 58 -10.90 -8.53 -3.65
CA ARG A 58 -12.02 -9.01 -2.83
CA ARG A 58 -12.02 -9.02 -2.84
C ARG A 58 -12.10 -8.27 -1.48
N ALA A 59 -11.00 -7.78 -1.00
CA ALA A 59 -10.96 -6.95 0.26
C ALA A 59 -11.32 -5.50 0.00
N GLY A 60 -11.54 -5.12 -1.23
CA GLY A 60 -11.96 -3.78 -1.57
C GLY A 60 -10.80 -2.79 -1.83
N VAL A 61 -9.60 -3.28 -2.00
CA VAL A 61 -8.50 -2.39 -2.42
C VAL A 61 -8.72 -1.95 -3.85
N ARG A 62 -8.44 -0.68 -4.13
CA ARG A 62 -8.66 -0.11 -5.45
C ARG A 62 -7.38 0.56 -5.91
N LYS A 63 -7.24 0.60 -7.25
CA LYS A 63 -6.22 1.40 -7.85
C LYS A 63 -6.24 2.80 -7.32
N GLY A 64 -5.06 3.31 -7.04
CA GLY A 64 -4.92 4.63 -6.53
C GLY A 64 -4.96 4.75 -5.01
N ASP A 65 -5.32 3.68 -4.31
CA ASP A 65 -5.36 3.76 -2.85
C ASP A 65 -3.96 4.12 -2.33
N ARG A 66 -3.92 5.09 -1.42
CA ARG A 66 -2.68 5.46 -0.77
C ARG A 66 -2.50 4.65 0.49
N ILE A 67 -1.28 4.28 0.78
CA ILE A 67 -0.97 3.39 1.89
C ILE A 67 -0.40 4.22 3.06
N LEU A 68 -1.17 4.23 4.16
CA LEU A 68 -0.80 4.96 5.38
C LEU A 68 -0.11 4.10 6.41
N GLU A 69 -0.51 2.84 6.53
CA GLU A 69 0.09 1.91 7.47
C GLU A 69 0.17 0.54 6.81
N VAL A 70 1.21 -0.22 7.19
CA VAL A 70 1.32 -1.61 6.81
C VAL A 70 1.57 -2.39 8.09
N ASN A 71 0.71 -3.39 8.36
CA ASN A 71 0.85 -4.22 9.55
C ASN A 71 1.01 -3.40 10.82
N GLY A 72 0.21 -2.32 10.91
CA GLY A 72 0.18 -1.47 12.07
C GLY A 72 1.33 -0.49 12.22
N VAL A 73 2.20 -0.41 11.21
CA VAL A 73 3.35 0.50 11.21
C VAL A 73 3.05 1.67 10.27
N ASN A 74 3.22 2.88 10.79
CA ASN A 74 3.01 4.08 10.01
C ASN A 74 4.09 4.18 8.90
N VAL A 75 3.64 4.31 7.67
CA VAL A 75 4.55 4.39 6.52
C VAL A 75 4.39 5.70 5.77
N GLU A 76 3.92 6.75 6.45
CA GLU A 76 3.93 8.07 5.83
CA GLU A 76 3.93 8.07 5.83
C GLU A 76 5.39 8.46 5.57
N GLY A 77 5.67 8.94 4.34
CA GLY A 77 7.01 9.30 3.97
C GLY A 77 7.99 8.15 3.76
N ALA A 78 7.53 6.91 3.85
CA ALA A 78 8.46 5.78 3.88
C ALA A 78 9.09 5.53 2.51
N THR A 79 10.23 4.84 2.57
CA THR A 79 10.84 4.35 1.34
C THR A 79 10.03 3.21 0.76
N HIS A 80 10.22 2.99 -0.54
CA HIS A 80 9.55 1.86 -1.18
C HIS A 80 9.98 0.56 -0.53
N LYS A 81 11.26 0.40 -0.24
CA LYS A 81 11.76 -0.83 0.38
C LYS A 81 11.08 -1.06 1.74
N GLN A 82 10.94 -0.01 2.54
CA GLN A 82 10.31 -0.20 3.85
C GLN A 82 8.91 -0.76 3.69
N VAL A 83 8.14 -0.21 2.74
CA VAL A 83 6.77 -0.66 2.53
C VAL A 83 6.74 -2.08 1.97
N VAL A 84 7.58 -2.40 0.98
CA VAL A 84 7.64 -3.75 0.46
C VAL A 84 7.99 -4.76 1.57
N ASP A 85 9.00 -4.42 2.37
CA ASP A 85 9.42 -5.36 3.41
C ASP A 85 8.32 -5.55 4.44
N LEU A 86 7.61 -4.46 4.80
CA LEU A 86 6.49 -4.59 5.72
C LEU A 86 5.37 -5.44 5.13
N ILE A 87 5.08 -5.30 3.84
CA ILE A 87 4.03 -6.11 3.22
C ILE A 87 4.42 -7.58 3.32
N ARG A 88 5.70 -7.88 3.20
CA ARG A 88 6.23 -9.24 3.27
C ARG A 88 6.40 -9.74 4.71
N ALA A 89 6.03 -8.99 5.73
CA ALA A 89 6.35 -9.38 7.10
C ALA A 89 5.64 -10.68 7.51
N GLY A 90 4.37 -10.84 7.12
CA GLY A 90 3.59 -12.00 7.46
C GLY A 90 3.77 -13.13 6.44
N GLU A 91 3.57 -14.36 6.89
CA GLU A 91 3.64 -15.45 5.93
CA GLU A 91 3.55 -15.53 6.00
C GLU A 91 2.44 -15.49 5.01
N LYS A 92 1.27 -15.04 5.47
CA LYS A 92 0.10 -15.11 4.62
C LYS A 92 -0.89 -13.96 4.81
N GLU A 93 -0.85 -13.25 5.92
CA GLU A 93 -1.81 -12.19 6.16
C GLU A 93 -1.12 -10.82 6.13
N LEU A 94 -1.87 -9.87 5.60
CA LEU A 94 -1.46 -8.49 5.45
C LEU A 94 -2.60 -7.59 5.98
N ILE A 95 -2.26 -6.60 6.80
CA ILE A 95 -3.23 -5.57 7.20
C ILE A 95 -2.71 -4.25 6.67
N LEU A 96 -3.56 -3.51 5.95
CA LEU A 96 -3.23 -2.21 5.43
C LEU A 96 -4.18 -1.15 5.96
N THR A 97 -3.68 0.05 6.17
CA THR A 97 -4.52 1.22 6.33
C THR A 97 -4.38 2.01 5.04
N VAL A 98 -5.49 2.19 4.33
CA VAL A 98 -5.50 2.79 3.02
C VAL A 98 -6.45 3.97 2.99
N LEU A 99 -6.21 4.82 1.98
CA LEU A 99 -7.00 6.01 1.71
C LEU A 99 -7.33 6.02 0.25
N SER A 100 -8.62 5.90 -0.11
CA SER A 100 -9.01 5.93 -1.49
C SER A 100 -9.10 7.36 -2.00
N VAL A 101 -8.83 7.53 -3.29
CA VAL A 101 -8.84 8.85 -3.93
C VAL A 101 -9.89 8.97 -4.93
N GLU B 2 12.37 9.29 -8.44
CA GLU B 2 12.65 7.88 -8.71
C GLU B 2 11.60 7.03 -7.97
N GLU B 3 10.79 6.33 -8.77
CA GLU B 3 9.73 5.46 -8.26
C GLU B 3 9.94 4.02 -8.72
N TRP B 4 9.58 3.12 -7.85
CA TRP B 4 9.59 1.69 -8.12
C TRP B 4 8.19 1.12 -7.97
N SEP B 5 7.93 0.07 -8.72
CA SEP B 5 6.68 -0.68 -8.67
CB SEP B 5 6.08 -0.46 -10.03
OG SEP B 5 4.75 -0.99 -10.04
C SEP B 5 7.03 -2.13 -8.37
O SEP B 5 7.96 -2.67 -8.97
P SEP B 5 3.88 -0.61 -11.36
O1P SEP B 5 3.84 0.85 -11.67
O2P SEP B 5 4.54 -1.40 -12.52
O3P SEP B 5 2.57 -1.27 -11.01
N THR B 6 6.28 -2.77 -7.46
CA THR B 6 6.53 -4.15 -7.06
C THR B 6 5.22 -4.91 -7.03
N VAL B 7 5.27 -6.15 -7.54
CA VAL B 7 4.11 -7.04 -7.61
C VAL B 7 3.99 -7.80 -6.30
N MET B 8 2.85 -7.72 -5.65
N MET B 8 2.80 -7.80 -5.73
CA MET B 8 2.64 -8.32 -4.32
CA MET B 8 2.46 -8.59 -4.53
C MET B 8 1.53 -9.43 -4.39
C MET B 8 1.34 -9.61 -4.81
#